data_2N6X
#
_entry.id   2N6X
#
_entity_poly.entity_id   1
_entity_poly.type   'polyribonucleotide'
_entity_poly.pdbx_seq_one_letter_code
;GGUGAGUACGUAGAGUAUACUUCGGUAUACUUAUAUACUUACC
;
_entity_poly.pdbx_strand_id   A
#
loop_
_chem_comp.id
_chem_comp.type
_chem_comp.name
_chem_comp.formula
A RNA linking ADENOSINE-5'-MONOPHOSPHATE 'C10 H14 N5 O7 P'
C RNA linking CYTIDINE-5'-MONOPHOSPHATE 'C9 H14 N3 O8 P'
G RNA linking GUANOSINE-5'-MONOPHOSPHATE 'C10 H14 N5 O8 P'
U RNA linking URIDINE-5'-MONOPHOSPHATE 'C9 H13 N2 O9 P'
#